data_7XJO
#
_entry.id   7XJO
#
_cell.length_a   128.977
_cell.length_b   128.977
_cell.length_c   91.027
_cell.angle_alpha   90.00
_cell.angle_beta   90.00
_cell.angle_gamma   120.00
#
_symmetry.space_group_name_H-M   'P 64 2 2'
#
loop_
_entity.id
_entity.type
_entity.pdbx_description
1 polymer 'Matrix metalloproteinase-2'
2 polymer RYH-KFB-GLU-ASP-DAB-LEU-EME-EOE-NH2
3 non-polymer 'ZINC ION'
4 non-polymer 'CALCIUM ION'
5 non-polymer 2-[3-(2-HYDROXY-1,1-DIHYDROXYMETHYL-ETHYLAMINO)-PROPYLAMINO]-2-HYDROXYMETHYL-PROPANE-1,3-DIOL
6 non-polymer 'CHLORIDE ION'
7 water water
#
loop_
_entity_poly.entity_id
_entity_poly.type
_entity_poly.pdbx_seq_one_letter_code
_entity_poly.pdbx_strand_id
1 'polypeptide(L)'
;MYNFFPRKPKWDKNQITYRIIGYTPDLAPETVDDAFARAFQVWSDVTPLRFSRIYDGEADIMINFGRWEHGDGYPFDGKD
GLLAHAFAPGTGVGGDSHFDDDELWTLGKGVGYSLFLVAAHAFGHAMGLEHSQDPGALMAPIYTYTKNFRLSQDDIKGIQ
ELYGASPD
;
A,B
2 'polypeptide(L)' (RYH)(KFB)ED(DAB)L(EME)(EOE)(NH2) C,D
#
# COMPACT_ATOMS: atom_id res chain seq x y z
N ASN A 3 -18.31 -23.48 -10.89
CA ASN A 3 -17.50 -23.92 -9.71
C ASN A 3 -15.97 -23.80 -9.95
N PHE A 4 -15.38 -23.99 -11.16
CA PHE A 4 -13.92 -23.75 -11.40
C PHE A 4 -13.72 -22.78 -12.57
N PHE A 5 -12.52 -22.24 -12.74
CA PHE A 5 -12.17 -21.38 -13.90
C PHE A 5 -12.09 -22.27 -15.15
N PRO A 6 -12.11 -21.71 -16.37
CA PRO A 6 -11.90 -22.50 -17.58
C PRO A 6 -10.55 -23.20 -17.57
N ARG A 7 -10.57 -24.51 -17.81
CA ARG A 7 -9.39 -25.41 -17.88
C ARG A 7 -8.88 -25.66 -16.45
N LYS A 8 -9.72 -25.37 -15.45
CA LYS A 8 -9.53 -25.81 -14.04
C LYS A 8 -8.10 -25.55 -13.58
N PRO A 9 -7.63 -24.30 -13.64
CA PRO A 9 -6.32 -23.98 -13.09
C PRO A 9 -6.36 -24.22 -11.58
N LYS A 10 -5.26 -24.73 -11.04
CA LYS A 10 -5.02 -24.88 -9.60
C LYS A 10 -3.51 -24.87 -9.37
N TRP A 11 -3.15 -24.70 -8.12
CA TRP A 11 -1.75 -24.73 -7.64
C TRP A 11 -1.29 -26.19 -7.63
N ASP A 12 -0.09 -26.46 -8.13
CA ASP A 12 0.45 -27.84 -8.21
C ASP A 12 1.37 -28.05 -7.01
N LYS A 13 1.00 -27.50 -5.87
CA LYS A 13 1.78 -27.63 -4.63
C LYS A 13 0.86 -27.34 -3.44
N ASN A 14 1.29 -27.68 -2.24
CA ASN A 14 0.44 -27.48 -1.05
C ASN A 14 0.91 -26.26 -0.25
N GLN A 15 2.13 -25.78 -0.45
CA GLN A 15 2.56 -24.52 0.20
C GLN A 15 2.37 -23.37 -0.79
N ILE A 16 1.61 -22.39 -0.35
CA ILE A 16 1.32 -21.18 -1.14
C ILE A 16 1.90 -20.04 -0.34
N THR A 17 2.85 -19.30 -0.88
CA THR A 17 3.40 -18.17 -0.13
C THR A 17 2.51 -16.99 -0.42
N TYR A 18 2.46 -16.08 0.51
CA TYR A 18 1.83 -14.76 0.27
C TYR A 18 2.64 -13.66 0.92
N ARG A 19 2.45 -12.47 0.37
CA ARG A 19 3.15 -11.27 0.87
C ARG A 19 2.17 -10.11 0.85
N ILE A 20 2.09 -9.43 1.96
CA ILE A 20 1.27 -8.21 2.06
C ILE A 20 2.16 -7.03 1.66
N ILE A 21 1.98 -6.50 0.45
CA ILE A 21 2.87 -5.45 -0.09
C ILE A 21 2.57 -4.18 0.67
N GLY A 22 1.29 -3.87 0.84
CA GLY A 22 0.87 -2.66 1.57
C GLY A 22 -0.50 -2.78 2.20
N TYR A 23 -0.88 -1.74 2.90
CA TYR A 23 -2.03 -1.75 3.85
C TYR A 23 -3.09 -0.72 3.44
N THR A 24 -4.15 -0.70 4.24
CA THR A 24 -5.12 0.41 4.30
C THR A 24 -4.88 1.15 5.61
N PRO A 25 -5.10 2.47 5.63
CA PRO A 25 -5.05 3.20 6.89
C PRO A 25 -6.25 2.93 7.79
N ASP A 26 -7.24 2.19 7.30
CA ASP A 26 -8.57 2.06 7.94
C ASP A 26 -8.49 1.14 9.16
N LEU A 27 -7.46 0.29 9.19
CA LEU A 27 -7.28 -0.71 10.27
C LEU A 27 -5.82 -0.68 10.69
N ALA A 28 -5.52 -1.20 11.85
CA ALA A 28 -4.13 -1.42 12.26
C ALA A 28 -3.54 -2.52 11.37
N PRO A 29 -2.24 -2.40 11.04
CA PRO A 29 -1.56 -3.40 10.22
C PRO A 29 -1.65 -4.78 10.87
N GLU A 30 -1.49 -4.90 12.19
CA GLU A 30 -1.50 -6.27 12.81
C GLU A 30 -2.91 -6.87 12.71
N THR A 31 -3.93 -6.05 12.64
CA THR A 31 -5.35 -6.48 12.50
C THR A 31 -5.60 -6.86 11.05
N VAL A 32 -4.99 -6.17 10.09
CA VAL A 32 -5.01 -6.58 8.66
C VAL A 32 -4.32 -7.93 8.53
N ASP A 33 -3.08 -8.06 9.05
CA ASP A 33 -2.35 -9.35 8.99
C ASP A 33 -3.24 -10.46 9.54
N ASP A 34 -3.84 -10.21 10.68
CA ASP A 34 -4.68 -11.24 11.36
C ASP A 34 -5.87 -11.56 10.46
N ALA A 35 -6.54 -10.57 9.87
CA ALA A 35 -7.70 -10.77 8.96
C ALA A 35 -7.30 -11.64 7.74
N PHE A 36 -6.17 -11.37 7.13
CA PHE A 36 -5.72 -12.18 5.97
C PHE A 36 -5.42 -13.60 6.47
N ALA A 37 -4.81 -13.73 7.65
CA ALA A 37 -4.43 -15.05 8.17
C ALA A 37 -5.70 -15.88 8.35
N ARG A 38 -6.74 -15.28 8.90
CA ARG A 38 -8.00 -15.97 9.25
C ARG A 38 -8.72 -16.38 7.95
N ALA A 39 -8.62 -15.54 6.92
CA ALA A 39 -9.25 -15.77 5.60
C ALA A 39 -8.62 -17.00 4.93
N PHE A 40 -7.31 -17.14 5.02
CA PHE A 40 -6.58 -18.32 4.50
C PHE A 40 -6.95 -19.56 5.29
N GLN A 41 -7.08 -19.41 6.60
CA GLN A 41 -7.33 -20.52 7.53
C GLN A 41 -8.68 -21.16 7.17
N VAL A 42 -9.68 -20.41 6.69
CA VAL A 42 -10.96 -21.08 6.36
C VAL A 42 -10.71 -22.14 5.28
N TRP A 43 -9.77 -21.93 4.37
CA TRP A 43 -9.41 -22.92 3.30
C TRP A 43 -8.39 -23.95 3.81
N SER A 44 -7.39 -23.55 4.59
CA SER A 44 -6.37 -24.45 5.24
C SER A 44 -7.02 -25.59 6.00
N ASP A 45 -8.03 -25.21 6.75
CA ASP A 45 -8.67 -26.05 7.76
C ASP A 45 -9.32 -27.28 7.11
N VAL A 46 -9.68 -27.22 5.84
CA VAL A 46 -10.42 -28.36 5.22
C VAL A 46 -9.64 -28.91 4.05
N THR A 47 -8.36 -28.56 3.94
CA THR A 47 -7.45 -29.08 2.89
C THR A 47 -6.05 -29.31 3.48
N PRO A 48 -5.13 -29.88 2.67
CA PRO A 48 -3.71 -29.93 3.05
C PRO A 48 -2.90 -28.65 2.75
N LEU A 49 -3.58 -27.61 2.29
CA LEU A 49 -2.95 -26.33 1.91
C LEU A 49 -2.39 -25.67 3.18
N ARG A 50 -1.23 -25.06 3.04
CA ARG A 50 -0.75 -24.10 4.04
C ARG A 50 -0.25 -22.85 3.31
N PHE A 51 -0.52 -21.73 3.95
CA PHE A 51 -0.27 -20.38 3.43
C PHE A 51 0.81 -19.76 4.29
N SER A 52 1.96 -19.48 3.71
CA SER A 52 3.12 -18.98 4.49
C SER A 52 3.35 -17.53 4.12
N ARG A 53 3.41 -16.67 5.11
CA ARG A 53 3.77 -15.26 4.89
C ARG A 53 5.28 -15.11 4.65
N ILE A 54 5.64 -14.39 3.59
CA ILE A 54 7.04 -13.96 3.37
C ILE A 54 7.05 -12.45 3.37
N TYR A 55 8.20 -11.89 3.71
CA TYR A 55 8.37 -10.46 4.07
C TYR A 55 9.19 -9.73 3.02
N ASP A 56 9.58 -10.44 1.95
CA ASP A 56 10.32 -9.89 0.80
C ASP A 56 10.20 -10.85 -0.39
N GLY A 57 10.53 -10.41 -1.59
CA GLY A 57 10.51 -11.25 -2.80
C GLY A 57 9.11 -11.44 -3.39
N GLU A 58 9.03 -12.38 -4.33
CA GLU A 58 7.82 -12.65 -5.14
C GLU A 58 7.07 -13.83 -4.53
N ALA A 59 5.97 -13.58 -3.83
CA ALA A 59 5.13 -14.65 -3.24
C ALA A 59 4.18 -15.16 -4.33
N ASP A 60 3.61 -16.33 -4.12
CA ASP A 60 2.59 -16.88 -5.03
C ASP A 60 1.39 -15.94 -5.04
N ILE A 61 0.98 -15.45 -3.88
CA ILE A 61 -0.12 -14.48 -3.78
C ILE A 61 0.44 -13.16 -3.27
N MET A 62 0.56 -12.19 -4.17
CA MET A 62 0.94 -10.81 -3.81
C MET A 62 -0.34 -10.07 -3.47
N ILE A 63 -0.41 -9.55 -2.26
CA ILE A 63 -1.59 -8.85 -1.73
C ILE A 63 -1.25 -7.37 -1.67
N ASN A 64 -2.18 -6.55 -2.09
CA ASN A 64 -2.02 -5.08 -1.99
C ASN A 64 -3.39 -4.41 -2.00
N PHE A 65 -3.44 -3.16 -1.54
CA PHE A 65 -4.60 -2.26 -1.64
C PHE A 65 -4.35 -1.24 -2.74
N GLY A 66 -5.40 -0.80 -3.38
CA GLY A 66 -5.30 0.30 -4.36
C GLY A 66 -6.68 0.82 -4.67
N ARG A 67 -6.73 1.79 -5.57
CA ARG A 67 -7.96 2.49 -6.00
C ARG A 67 -7.89 2.64 -7.52
N TRP A 68 -9.05 2.67 -8.18
CA TRP A 68 -9.16 2.84 -9.63
C TRP A 68 -8.07 2.00 -10.30
N GLU A 69 -7.30 2.57 -11.22
CA GLU A 69 -6.23 1.78 -11.89
C GLU A 69 -5.10 1.60 -10.87
N HIS A 70 -4.71 0.37 -10.56
CA HIS A 70 -3.73 0.09 -9.49
C HIS A 70 -2.64 -0.91 -9.92
N GLY A 71 -2.44 -1.12 -11.21
CA GLY A 71 -1.24 -1.82 -11.69
C GLY A 71 -1.53 -3.02 -12.59
N ASP A 72 -2.78 -3.40 -12.86
CA ASP A 72 -3.02 -4.65 -13.63
C ASP A 72 -4.02 -4.50 -14.80
N GLY A 73 -4.45 -3.29 -15.07
CA GLY A 73 -5.39 -2.96 -16.17
C GLY A 73 -6.79 -3.45 -15.88
N TYR A 74 -7.08 -3.95 -14.67
CA TYR A 74 -8.47 -4.23 -14.23
C TYR A 74 -8.79 -3.27 -13.09
N PRO A 75 -9.16 -2.03 -13.44
CA PRO A 75 -9.29 -0.99 -12.44
C PRO A 75 -10.43 -1.23 -11.47
N PHE A 76 -10.22 -0.77 -10.25
CA PHE A 76 -11.30 -0.59 -9.25
C PHE A 76 -12.16 0.60 -9.67
N ASP A 77 -13.17 0.93 -8.85
CA ASP A 77 -14.36 1.67 -9.36
C ASP A 77 -14.91 2.64 -8.31
N GLY A 78 -14.10 3.05 -7.36
CA GLY A 78 -14.61 3.85 -6.23
C GLY A 78 -15.45 3.02 -5.29
N LYS A 79 -16.34 3.71 -4.59
CA LYS A 79 -17.12 3.14 -3.48
C LYS A 79 -17.98 1.99 -4.01
N ASP A 80 -17.95 0.86 -3.31
CA ASP A 80 -18.83 -0.29 -3.57
C ASP A 80 -18.49 -0.89 -4.94
N GLY A 81 -19.36 -1.78 -5.41
CA GLY A 81 -19.12 -2.58 -6.61
C GLY A 81 -17.98 -3.53 -6.38
N LEU A 82 -16.89 -3.36 -7.12
CA LEU A 82 -15.66 -4.17 -6.97
C LEU A 82 -15.05 -3.86 -5.61
N LEU A 83 -14.96 -4.88 -4.76
CA LEU A 83 -14.45 -4.73 -3.38
C LEU A 83 -12.99 -5.20 -3.35
N ALA A 84 -12.74 -6.27 -4.07
CA ALA A 84 -11.45 -6.98 -4.18
C ALA A 84 -11.56 -7.83 -5.43
N HIS A 85 -10.44 -8.21 -6.02
CA HIS A 85 -10.42 -9.19 -7.12
C HIS A 85 -9.15 -10.05 -6.94
N ALA A 86 -9.21 -11.27 -7.46
CA ALA A 86 -8.08 -12.20 -7.43
C ALA A 86 -8.00 -12.85 -8.81
N PHE A 87 -6.78 -13.19 -9.19
CA PHE A 87 -6.45 -13.95 -10.40
C PHE A 87 -6.46 -15.43 -10.09
N ALA A 88 -6.90 -16.23 -11.05
CA ALA A 88 -6.88 -17.70 -10.92
C ALA A 88 -5.43 -18.14 -10.71
N PRO A 89 -5.23 -19.32 -10.11
CA PRO A 89 -3.89 -19.85 -9.91
C PRO A 89 -3.09 -19.82 -11.21
N GLY A 90 -1.80 -19.52 -11.06
CA GLY A 90 -0.87 -19.54 -12.20
C GLY A 90 0.32 -18.67 -11.92
N THR A 91 1.19 -18.58 -12.89
CA THR A 91 2.43 -17.78 -12.78
C THR A 91 2.09 -16.29 -12.91
N GLY A 92 3.07 -15.48 -12.61
CA GLY A 92 2.96 -14.01 -12.65
C GLY A 92 1.88 -13.53 -11.72
N VAL A 93 0.85 -12.90 -12.28
CA VAL A 93 -0.23 -12.25 -11.48
C VAL A 93 -1.20 -13.30 -10.92
N GLY A 94 -1.17 -14.53 -11.44
CA GLY A 94 -1.91 -15.68 -10.92
C GLY A 94 -1.94 -15.65 -9.42
N GLY A 95 -3.12 -15.79 -8.84
CA GLY A 95 -3.29 -15.83 -7.38
C GLY A 95 -3.28 -14.45 -6.74
N ASP A 96 -2.81 -13.40 -7.42
CA ASP A 96 -2.63 -12.08 -6.74
C ASP A 96 -4.02 -11.56 -6.33
N SER A 97 -4.09 -10.93 -5.17
CA SER A 97 -5.37 -10.50 -4.59
C SER A 97 -5.24 -9.04 -4.20
N HIS A 98 -6.15 -8.23 -4.71
CA HIS A 98 -6.13 -6.78 -4.51
C HIS A 98 -7.44 -6.34 -3.87
N PHE A 99 -7.34 -5.32 -3.02
CA PHE A 99 -8.46 -4.80 -2.22
C PHE A 99 -8.61 -3.31 -2.52
N ASP A 100 -9.83 -2.90 -2.82
CA ASP A 100 -10.14 -1.51 -3.18
C ASP A 100 -10.19 -0.65 -1.91
N ASP A 101 -9.24 0.28 -1.78
CA ASP A 101 -9.15 1.15 -0.60
C ASP A 101 -10.12 2.33 -0.73
N ASP A 102 -10.97 2.39 -1.76
CA ASP A 102 -12.13 3.31 -1.75
C ASP A 102 -13.25 2.76 -0.89
N GLU A 103 -13.20 1.48 -0.50
CA GLU A 103 -14.08 0.89 0.55
C GLU A 103 -13.55 1.26 1.95
N LEU A 104 -14.42 1.46 2.93
CA LEU A 104 -14.02 1.53 4.37
C LEU A 104 -13.87 0.11 4.94
N TRP A 105 -12.65 -0.25 5.30
CA TRP A 105 -12.34 -1.62 5.77
C TRP A 105 -12.59 -1.70 7.27
N THR A 106 -13.29 -2.75 7.66
CA THR A 106 -13.68 -3.01 9.07
C THR A 106 -13.72 -4.54 9.23
N LEU A 107 -14.04 -5.04 10.42
CA LEU A 107 -14.38 -6.46 10.62
C LEU A 107 -15.84 -6.64 10.98
N GLY A 108 -16.64 -5.59 10.97
CA GLY A 108 -18.05 -5.75 11.33
C GLY A 108 -19.00 -5.27 10.26
N LYS A 109 -20.21 -4.94 10.69
CA LYS A 109 -21.40 -4.63 9.87
C LYS A 109 -21.55 -3.14 9.48
N GLY A 110 -22.23 -2.88 8.36
CA GLY A 110 -23.00 -1.63 8.11
C GLY A 110 -22.15 -0.45 7.62
N VAL A 111 -21.05 -0.14 8.31
CA VAL A 111 -20.33 1.13 8.07
C VAL A 111 -19.16 0.91 7.11
N GLY A 112 -18.82 -0.34 6.81
CA GLY A 112 -17.84 -0.72 5.78
C GLY A 112 -17.98 -2.17 5.39
N TYR A 113 -16.97 -2.73 4.75
CA TYR A 113 -16.92 -4.14 4.35
C TYR A 113 -15.94 -4.86 5.28
N SER A 114 -16.28 -6.11 5.58
CA SER A 114 -15.42 -6.99 6.37
C SER A 114 -14.19 -7.34 5.55
N LEU A 115 -13.01 -6.99 6.01
CA LEU A 115 -11.79 -7.41 5.30
C LEU A 115 -11.69 -8.94 5.36
N PHE A 116 -12.02 -9.55 6.50
CA PHE A 116 -12.00 -11.01 6.67
C PHE A 116 -12.82 -11.72 5.56
N LEU A 117 -14.11 -11.35 5.45
CA LEU A 117 -15.09 -12.08 4.63
C LEU A 117 -14.72 -11.84 3.18
N VAL A 118 -14.44 -10.58 2.83
CA VAL A 118 -14.06 -10.26 1.43
C VAL A 118 -12.79 -11.05 1.07
N ALA A 119 -11.78 -11.05 1.94
CA ALA A 119 -10.53 -11.79 1.64
C ALA A 119 -10.83 -13.28 1.53
N ALA A 120 -11.63 -13.84 2.44
CA ALA A 120 -11.85 -15.29 2.33
C ALA A 120 -12.42 -15.58 0.93
N HIS A 121 -13.38 -14.78 0.45
CA HIS A 121 -14.03 -15.03 -0.86
C HIS A 121 -12.99 -14.87 -1.97
N ALA A 122 -12.24 -13.80 -1.95
CA ALA A 122 -11.22 -13.52 -3.00
C ALA A 122 -10.15 -14.60 -2.99
N PHE A 123 -9.76 -15.12 -1.82
CA PHE A 123 -8.70 -16.16 -1.75
C PHE A 123 -9.27 -17.47 -2.32
N GLY A 124 -10.59 -17.64 -2.27
CA GLY A 124 -11.26 -18.78 -2.92
C GLY A 124 -11.00 -18.71 -4.41
N HIS A 125 -11.16 -17.51 -4.98
CA HIS A 125 -10.84 -17.28 -6.40
C HIS A 125 -9.33 -17.55 -6.62
N ALA A 126 -8.46 -17.04 -5.77
CA ALA A 126 -6.99 -17.21 -5.91
C ALA A 126 -6.64 -18.71 -5.90
N MET A 127 -7.45 -19.56 -5.29
CA MET A 127 -7.17 -21.00 -5.17
C MET A 127 -7.85 -21.76 -6.32
N GLY A 128 -8.68 -21.10 -7.12
CA GLY A 128 -9.25 -21.75 -8.32
C GLY A 128 -10.77 -21.92 -8.27
N LEU A 129 -11.45 -21.41 -7.28
CA LEU A 129 -12.91 -21.57 -7.21
C LEU A 129 -13.56 -20.43 -7.94
N GLU A 130 -14.60 -20.76 -8.69
CA GLU A 130 -15.48 -19.76 -9.33
C GLU A 130 -16.71 -19.60 -8.43
N HIS A 131 -17.64 -18.75 -8.87
CA HIS A 131 -18.86 -18.45 -8.09
C HIS A 131 -19.72 -19.70 -7.95
N SER A 132 -20.31 -19.85 -6.77
CA SER A 132 -21.29 -20.91 -6.44
C SER A 132 -22.71 -20.37 -6.71
N GLN A 133 -23.66 -21.24 -6.96
CA GLN A 133 -25.09 -20.84 -7.00
C GLN A 133 -25.77 -21.27 -5.72
N ASP A 134 -24.99 -21.79 -4.78
CA ASP A 134 -25.57 -22.22 -3.49
C ASP A 134 -25.68 -20.96 -2.65
N PRO A 135 -26.89 -20.50 -2.28
CA PRO A 135 -27.04 -19.26 -1.52
C PRO A 135 -26.26 -19.20 -0.21
N GLY A 136 -25.96 -20.35 0.42
CA GLY A 136 -25.22 -20.37 1.69
C GLY A 136 -23.70 -20.38 1.51
N ALA A 137 -23.18 -20.43 0.29
CA ALA A 137 -21.73 -20.62 0.07
C ALA A 137 -21.01 -19.28 0.21
N LEU A 138 -19.80 -19.33 0.75
CA LEU A 138 -18.92 -18.15 0.76
C LEU A 138 -18.66 -17.72 -0.69
N MET A 139 -18.64 -18.66 -1.64
CA MET A 139 -18.28 -18.34 -3.03
C MET A 139 -19.52 -17.93 -3.80
N ALA A 140 -20.67 -17.82 -3.13
CA ALA A 140 -21.82 -17.13 -3.75
C ALA A 140 -21.34 -15.71 -3.99
N PRO A 141 -21.82 -15.07 -5.07
CA PRO A 141 -21.19 -13.83 -5.51
C PRO A 141 -21.45 -12.58 -4.68
N ILE A 142 -22.53 -12.53 -3.90
CA ILE A 142 -23.01 -11.26 -3.27
C ILE A 142 -22.52 -11.18 -1.82
N TYR A 143 -21.93 -10.03 -1.51
CA TYR A 143 -21.42 -9.75 -0.14
C TYR A 143 -22.56 -9.90 0.85
N THR A 144 -22.25 -10.47 2.01
CA THR A 144 -23.01 -10.23 3.26
C THR A 144 -22.06 -10.26 4.43
N TYR A 145 -22.37 -9.54 5.51
CA TYR A 145 -21.72 -9.68 6.83
C TYR A 145 -22.37 -10.87 7.53
N THR A 146 -21.55 -11.79 8.03
CA THR A 146 -22.02 -12.91 8.87
C THR A 146 -21.28 -12.82 10.20
N LYS A 147 -21.98 -12.83 11.32
CA LYS A 147 -21.24 -12.75 12.61
C LYS A 147 -20.66 -14.14 12.94
N ASN A 148 -21.39 -15.21 12.60
CA ASN A 148 -20.95 -16.60 12.85
C ASN A 148 -20.63 -17.28 11.54
N PHE A 149 -19.51 -16.91 10.93
CA PHE A 149 -19.19 -17.44 9.60
C PHE A 149 -18.76 -18.91 9.74
N ARG A 150 -19.30 -19.73 8.85
CA ARG A 150 -19.05 -21.19 8.73
C ARG A 150 -18.89 -21.46 7.24
N LEU A 151 -17.76 -21.99 6.83
CA LEU A 151 -17.66 -22.44 5.42
C LEU A 151 -18.76 -23.48 5.14
N SER A 152 -19.48 -23.34 4.03
CA SER A 152 -20.56 -24.25 3.56
C SER A 152 -20.01 -25.58 3.01
N GLN A 153 -20.85 -26.63 2.98
CA GLN A 153 -20.42 -27.93 2.39
C GLN A 153 -20.15 -27.70 0.91
N ASP A 154 -20.87 -26.83 0.22
CA ASP A 154 -20.55 -26.51 -1.19
C ASP A 154 -19.09 -26.02 -1.29
N ASP A 155 -18.68 -25.08 -0.46
CA ASP A 155 -17.30 -24.55 -0.56
C ASP A 155 -16.29 -25.66 -0.31
N ILE A 156 -16.58 -26.51 0.69
CA ILE A 156 -15.62 -27.54 1.14
C ILE A 156 -15.48 -28.55 0.01
N LYS A 157 -16.61 -28.83 -0.64
CA LYS A 157 -16.65 -29.79 -1.75
C LYS A 157 -15.79 -29.27 -2.90
N GLY A 158 -15.90 -27.98 -3.24
CA GLY A 158 -15.12 -27.44 -4.37
C GLY A 158 -13.63 -27.47 -4.04
N ILE A 159 -13.26 -26.99 -2.87
CA ILE A 159 -11.82 -26.78 -2.55
C ILE A 159 -11.15 -28.15 -2.41
N GLN A 160 -11.87 -29.12 -1.82
CA GLN A 160 -11.36 -30.50 -1.67
C GLN A 160 -11.25 -31.17 -3.06
N GLU A 161 -12.20 -30.98 -3.97
CA GLU A 161 -12.10 -31.53 -5.34
C GLU A 161 -10.74 -31.12 -5.95
N LEU A 162 -10.22 -29.91 -5.68
CA LEU A 162 -8.95 -29.43 -6.28
C LEU A 162 -7.72 -29.95 -5.50
N TYR A 163 -7.80 -29.98 -4.17
CA TYR A 163 -6.60 -30.09 -3.28
C TYR A 163 -6.71 -31.24 -2.27
N GLY A 164 -7.88 -31.86 -2.12
CA GLY A 164 -8.10 -32.93 -1.13
C GLY A 164 -8.47 -32.40 0.23
N ALA A 165 -8.66 -33.30 1.17
CA ALA A 165 -9.23 -33.01 2.48
C ALA A 165 -8.09 -32.77 3.48
N SER A 166 -8.42 -32.23 4.63
CA SER A 166 -7.43 -32.00 5.71
C SER A 166 -6.82 -33.33 6.10
N PRO A 167 -5.51 -33.40 6.40
CA PRO A 167 -4.96 -34.58 7.04
C PRO A 167 -5.45 -34.83 8.46
N ASP A 168 -5.79 -33.80 9.23
CA ASP A 168 -6.10 -33.92 10.66
C ASP A 168 -7.30 -33.02 10.93
N ASN B 3 11.93 29.51 -0.92
CA ASN B 3 10.50 29.96 -0.99
C ASN B 3 9.60 29.05 -0.13
N PHE B 4 8.38 29.53 0.15
CA PHE B 4 7.37 28.83 0.97
C PHE B 4 6.03 28.80 0.23
N PHE B 5 5.08 28.03 0.74
CA PHE B 5 3.68 28.00 0.23
C PHE B 5 2.99 29.33 0.56
N PRO B 6 1.98 29.73 -0.25
CA PRO B 6 1.29 31.04 -0.15
C PRO B 6 1.05 31.78 1.17
N ARG B 7 0.80 31.16 2.33
CA ARG B 7 0.81 31.95 3.60
C ARG B 7 1.89 31.40 4.53
N LYS B 8 2.96 30.88 3.93
CA LYS B 8 3.96 29.98 4.56
C LYS B 8 3.32 29.16 5.69
N PRO B 9 2.46 28.15 5.39
CA PRO B 9 1.97 27.27 6.44
C PRO B 9 3.19 26.48 6.96
N LYS B 10 3.17 26.18 8.25
CA LYS B 10 4.23 25.36 8.87
C LYS B 10 3.63 24.51 9.97
N TRP B 11 4.37 23.48 10.38
CA TRP B 11 3.97 22.68 11.55
C TRP B 11 4.15 23.58 12.76
N ASP B 12 3.15 23.64 13.64
CA ASP B 12 3.17 24.45 14.89
C ASP B 12 3.48 23.52 16.07
N LYS B 13 4.43 22.61 15.85
CA LYS B 13 5.07 21.75 16.86
C LYS B 13 6.31 21.17 16.21
N ASN B 14 7.22 20.61 16.99
CA ASN B 14 8.47 20.03 16.46
C ASN B 14 8.38 18.50 16.44
N GLN B 15 7.56 17.91 17.31
CA GLN B 15 7.24 16.47 17.36
C GLN B 15 6.29 16.13 16.21
N ILE B 16 6.80 15.51 15.13
CA ILE B 16 5.98 15.19 13.91
C ILE B 16 5.86 13.67 13.82
N THR B 17 4.65 13.14 13.65
CA THR B 17 4.43 11.69 13.43
C THR B 17 4.26 11.37 11.92
N TYR B 18 4.71 10.19 11.52
CA TYR B 18 4.51 9.65 10.16
C TYR B 18 4.12 8.18 10.23
N ARG B 19 3.32 7.75 9.25
CA ARG B 19 2.85 6.35 9.14
C ARG B 19 3.07 5.89 7.69
N ILE B 20 3.79 4.79 7.52
CA ILE B 20 4.02 4.14 6.20
C ILE B 20 2.92 3.14 5.94
N ILE B 21 1.97 3.54 5.10
CA ILE B 21 0.75 2.74 4.82
C ILE B 21 1.10 1.66 3.79
N GLY B 22 1.88 2.01 2.75
CA GLY B 22 2.14 1.05 1.66
C GLY B 22 3.58 1.08 1.16
N TYR B 23 3.90 0.14 0.29
CA TYR B 23 5.27 -0.12 -0.19
C TYR B 23 5.28 -0.35 -1.70
N THR B 24 6.47 -0.20 -2.26
CA THR B 24 6.83 -0.68 -3.61
C THR B 24 7.35 -2.10 -3.45
N PRO B 25 6.93 -3.02 -4.33
CA PRO B 25 7.50 -4.36 -4.38
C PRO B 25 8.95 -4.36 -4.92
N ASP B 26 9.43 -3.25 -5.44
CA ASP B 26 10.80 -3.13 -6.02
C ASP B 26 11.88 -3.16 -4.95
N LEU B 27 11.54 -2.82 -3.70
CA LEU B 27 12.49 -2.79 -2.55
C LEU B 27 11.91 -3.59 -1.38
N ALA B 28 12.78 -4.15 -0.54
CA ALA B 28 12.36 -4.79 0.72
C ALA B 28 11.73 -3.71 1.56
N PRO B 29 10.66 -4.02 2.32
CA PRO B 29 10.02 -3.02 3.19
C PRO B 29 10.99 -2.32 4.17
N GLU B 30 12.01 -3.03 4.67
CA GLU B 30 12.99 -2.44 5.62
C GLU B 30 13.80 -1.36 4.90
N THR B 31 14.16 -1.58 3.63
CA THR B 31 14.91 -0.59 2.80
C THR B 31 14.05 0.66 2.58
N VAL B 32 12.77 0.45 2.31
CA VAL B 32 11.77 1.54 2.16
C VAL B 32 11.71 2.31 3.49
N ASP B 33 11.47 1.59 4.58
CA ASP B 33 11.42 2.19 5.94
C ASP B 33 12.69 3.01 6.17
N ASP B 34 13.85 2.46 5.84
CA ASP B 34 15.13 3.13 6.11
C ASP B 34 15.26 4.38 5.21
N ALA B 35 14.93 4.26 3.92
CA ALA B 35 15.01 5.42 3.01
C ALA B 35 14.15 6.55 3.57
N PHE B 36 12.95 6.27 4.07
CA PHE B 36 12.08 7.35 4.60
C PHE B 36 12.65 7.93 5.92
N ALA B 37 13.11 7.10 6.84
CA ALA B 37 13.85 7.53 8.06
C ALA B 37 14.98 8.47 7.63
N ARG B 38 15.84 8.07 6.70
CA ARG B 38 17.01 8.88 6.28
C ARG B 38 16.55 10.20 5.66
N ALA B 39 15.42 10.16 4.94
CA ALA B 39 14.88 11.35 4.25
C ALA B 39 14.39 12.36 5.29
N PHE B 40 13.66 11.91 6.29
CA PHE B 40 13.31 12.81 7.41
C PHE B 40 14.60 13.32 8.08
N GLN B 41 15.63 12.50 8.23
CA GLN B 41 16.80 12.92 9.04
C GLN B 41 17.52 14.11 8.39
N VAL B 42 17.54 14.21 7.05
CA VAL B 42 18.22 15.34 6.34
C VAL B 42 17.63 16.64 6.89
N TRP B 43 16.34 16.67 7.23
CA TRP B 43 15.68 17.89 7.78
C TRP B 43 15.88 18.00 9.31
N SER B 44 15.71 16.91 10.06
CA SER B 44 15.94 16.85 11.54
C SER B 44 17.33 17.33 11.90
N ASP B 45 18.34 16.98 11.09
CA ASP B 45 19.76 17.31 11.35
C ASP B 45 19.97 18.83 11.51
N VAL B 46 19.10 19.69 10.99
CA VAL B 46 19.40 21.15 10.91
C VAL B 46 18.23 21.93 11.48
N THR B 47 17.33 21.28 12.22
CA THR B 47 16.14 21.90 12.86
C THR B 47 15.92 21.29 14.23
N PRO B 48 15.00 21.82 15.06
CA PRO B 48 14.48 21.10 16.22
C PRO B 48 13.38 20.07 15.88
N LEU B 49 13.12 19.82 14.59
CA LEU B 49 12.05 18.87 14.15
C LEU B 49 12.44 17.42 14.52
N ARG B 50 11.50 16.73 15.17
CA ARG B 50 11.68 15.32 15.60
C ARG B 50 10.53 14.47 15.03
N PHE B 51 10.93 13.52 14.21
CA PHE B 51 10.02 12.63 13.44
C PHE B 51 9.91 11.28 14.15
N SER B 52 8.70 10.83 14.40
CA SER B 52 8.39 9.53 15.06
C SER B 52 7.51 8.71 14.13
N ARG B 53 7.86 7.46 13.93
CA ARG B 53 6.97 6.57 13.15
C ARG B 53 5.86 6.03 14.05
N ILE B 54 4.62 6.07 13.58
CA ILE B 54 3.54 5.31 14.27
C ILE B 54 2.98 4.28 13.30
N TYR B 55 2.29 3.26 13.83
CA TYR B 55 1.81 2.13 12.99
C TYR B 55 0.29 2.03 12.96
N ASP B 56 -0.40 2.83 13.75
CA ASP B 56 -1.87 2.94 13.63
C ASP B 56 -2.25 4.39 13.88
N GLY B 57 -3.48 4.73 13.50
CA GLY B 57 -4.08 6.06 13.68
C GLY B 57 -3.66 7.05 12.60
N GLU B 58 -4.03 8.31 12.79
CA GLU B 58 -3.81 9.39 11.81
C GLU B 58 -2.50 10.08 12.15
N ALA B 59 -1.42 9.77 11.47
CA ALA B 59 -0.16 10.49 11.69
C ALA B 59 -0.25 11.87 10.99
N ASP B 60 0.60 12.82 11.34
CA ASP B 60 0.72 14.14 10.65
C ASP B 60 1.00 13.84 9.17
N ILE B 61 2.00 13.02 8.92
CA ILE B 61 2.40 12.61 7.55
C ILE B 61 2.03 11.13 7.32
N MET B 62 0.93 10.95 6.60
CA MET B 62 0.53 9.63 6.03
C MET B 62 1.25 9.43 4.71
N ILE B 63 2.05 8.38 4.63
CA ILE B 63 2.82 8.01 3.42
C ILE B 63 2.18 6.82 2.72
N ASN B 64 2.06 6.88 1.40
CA ASN B 64 1.55 5.71 0.66
C ASN B 64 2.16 5.67 -0.72
N PHE B 65 1.99 4.54 -1.38
CA PHE B 65 2.24 4.37 -2.82
C PHE B 65 0.89 4.16 -3.50
N GLY B 66 0.79 4.64 -4.72
CA GLY B 66 -0.42 4.52 -5.56
C GLY B 66 -0.08 4.70 -7.03
N ARG B 67 -1.05 4.43 -7.90
CA ARG B 67 -0.91 4.68 -9.33
C ARG B 67 -2.12 5.52 -9.74
N TRP B 68 -1.98 6.36 -10.80
CA TRP B 68 -3.12 7.11 -11.36
C TRP B 68 -3.92 7.69 -10.20
N GLU B 69 -5.26 7.56 -10.20
CA GLU B 69 -6.09 8.18 -9.15
C GLU B 69 -5.92 7.33 -7.90
N HIS B 70 -5.50 7.92 -6.78
CA HIS B 70 -5.14 7.14 -5.57
C HIS B 70 -5.75 7.77 -4.33
N GLY B 71 -6.88 8.47 -4.50
CA GLY B 71 -7.83 8.86 -3.44
C GLY B 71 -7.72 10.31 -3.02
N ASP B 72 -6.97 11.15 -3.72
CA ASP B 72 -6.88 12.59 -3.37
C ASP B 72 -7.24 13.54 -4.51
N GLY B 73 -7.52 13.04 -5.72
CA GLY B 73 -7.99 13.89 -6.83
C GLY B 73 -6.81 14.53 -7.54
N TYR B 74 -5.58 14.18 -7.13
CA TYR B 74 -4.34 14.55 -7.86
C TYR B 74 -3.70 13.29 -8.42
N PRO B 75 -4.20 12.74 -9.54
CA PRO B 75 -3.68 11.44 -9.98
C PRO B 75 -2.21 11.47 -10.38
N PHE B 76 -1.55 10.32 -10.29
CA PHE B 76 -0.23 10.09 -10.91
C PHE B 76 -0.42 9.79 -12.40
N ASP B 77 0.65 9.42 -13.11
CA ASP B 77 0.70 9.56 -14.59
C ASP B 77 1.48 8.43 -15.25
N GLY B 78 1.60 7.27 -14.61
CA GLY B 78 2.39 6.15 -15.16
C GLY B 78 3.90 6.44 -15.12
N LYS B 79 4.67 5.65 -15.85
CA LYS B 79 6.16 5.71 -15.79
C LYS B 79 6.65 7.14 -16.08
N ASP B 80 7.62 7.60 -15.30
CA ASP B 80 8.24 8.95 -15.40
C ASP B 80 7.25 10.09 -15.17
N GLY B 81 7.70 11.33 -15.46
CA GLY B 81 6.93 12.56 -15.23
C GLY B 81 6.74 12.79 -13.74
N LEU B 82 5.49 12.92 -13.28
CA LEU B 82 5.17 13.07 -11.83
C LEU B 82 5.61 11.80 -11.09
N LEU B 83 6.49 11.97 -10.09
CA LEU B 83 7.17 10.85 -9.35
C LEU B 83 6.56 10.68 -7.96
N ALA B 84 6.16 11.81 -7.36
CA ALA B 84 5.71 11.90 -5.96
C ALA B 84 5.09 13.26 -5.75
N HIS B 85 4.21 13.40 -4.78
CA HIS B 85 3.73 14.74 -4.36
C HIS B 85 3.56 14.77 -2.86
N ALA B 86 3.63 15.96 -2.28
CA ALA B 86 3.39 16.17 -0.83
C ALA B 86 2.44 17.35 -0.62
N PHE B 87 1.59 17.25 0.37
CA PHE B 87 0.76 18.41 0.75
C PHE B 87 1.52 19.26 1.76
N ALA B 88 1.29 20.57 1.66
CA ALA B 88 1.78 21.57 2.62
C ALA B 88 1.33 21.21 4.03
N PRO B 89 2.11 21.64 5.02
CA PRO B 89 1.71 21.50 6.42
C PRO B 89 0.24 21.87 6.61
N GLY B 90 -0.47 21.02 7.36
CA GLY B 90 -1.90 21.24 7.64
C GLY B 90 -2.60 20.06 8.27
N THR B 91 -3.83 20.33 8.67
CA THR B 91 -4.86 19.39 9.20
C THR B 91 -5.19 18.39 8.08
N GLY B 92 -5.75 17.24 8.42
CA GLY B 92 -6.22 16.23 7.44
C GLY B 92 -5.13 15.78 6.46
N VAL B 93 -5.33 16.03 5.17
CA VAL B 93 -4.41 15.51 4.13
C VAL B 93 -3.10 16.29 4.16
N GLY B 94 -3.03 17.43 4.87
CA GLY B 94 -1.81 18.25 4.94
C GLY B 94 -0.63 17.44 5.41
N GLY B 95 0.53 17.59 4.77
CA GLY B 95 1.79 16.87 5.07
C GLY B 95 1.90 15.52 4.36
N ASP B 96 0.77 14.98 3.90
CA ASP B 96 0.71 13.61 3.35
C ASP B 96 1.60 13.55 2.12
N SER B 97 2.35 12.47 2.00
CA SER B 97 3.37 12.26 0.97
C SER B 97 3.05 10.98 0.22
N HIS B 98 2.87 11.07 -1.11
CA HIS B 98 2.48 9.89 -1.93
C HIS B 98 3.57 9.67 -2.96
N PHE B 99 3.78 8.41 -3.34
CA PHE B 99 4.83 8.04 -4.29
C PHE B 99 4.19 7.20 -5.38
N ASP B 100 4.62 7.45 -6.62
CA ASP B 100 4.01 6.84 -7.81
C ASP B 100 4.60 5.47 -7.98
N ASP B 101 3.75 4.48 -7.86
CA ASP B 101 4.13 3.06 -7.90
C ASP B 101 4.36 2.65 -9.36
N ASP B 102 4.08 3.50 -10.35
CA ASP B 102 4.49 3.19 -11.76
C ASP B 102 5.98 3.52 -12.00
N GLU B 103 6.69 4.06 -10.99
CA GLU B 103 8.17 4.28 -11.07
C GLU B 103 8.87 3.05 -10.51
N LEU B 104 10.06 2.78 -11.04
CA LEU B 104 10.95 1.73 -10.51
C LEU B 104 11.81 2.40 -9.45
N TRP B 105 11.51 2.15 -8.19
CA TRP B 105 12.21 2.80 -7.06
C TRP B 105 13.54 2.08 -6.81
N THR B 106 14.62 2.83 -6.71
CA THR B 106 15.95 2.23 -6.44
C THR B 106 16.58 3.01 -5.29
N LEU B 107 17.82 2.67 -4.99
CA LEU B 107 18.64 3.37 -3.96
C LEU B 107 20.11 3.28 -4.36
N GLY B 108 20.78 4.44 -4.26
CA GLY B 108 22.22 4.58 -4.57
C GLY B 108 22.52 4.09 -5.98
N LYS B 109 21.58 4.29 -6.90
CA LYS B 109 21.72 3.75 -8.28
C LYS B 109 21.36 4.80 -9.34
N GLY B 110 22.00 4.68 -10.51
CA GLY B 110 21.77 5.57 -11.67
C GLY B 110 20.46 5.25 -12.35
N VAL B 111 20.06 3.98 -12.37
CA VAL B 111 18.80 3.54 -13.04
C VAL B 111 17.63 3.69 -12.05
N GLY B 112 16.45 3.96 -12.60
CA GLY B 112 15.24 4.29 -11.83
C GLY B 112 15.40 5.57 -11.01
N TYR B 113 14.63 5.68 -9.97
CA TYR B 113 14.60 6.90 -9.13
C TYR B 113 14.89 6.52 -7.68
N SER B 114 15.84 7.24 -7.10
CA SER B 114 16.22 7.14 -5.68
C SER B 114 15.02 7.50 -4.81
N LEU B 115 14.45 6.51 -4.13
CA LEU B 115 13.35 6.75 -3.16
C LEU B 115 13.81 7.73 -2.08
N PHE B 116 15.09 7.67 -1.72
CA PHE B 116 15.68 8.48 -0.66
C PHE B 116 15.66 9.95 -1.10
N LEU B 117 16.18 10.26 -2.29
CA LEU B 117 16.26 11.68 -2.77
C LEU B 117 14.85 12.21 -3.05
N VAL B 118 14.01 11.41 -3.71
CA VAL B 118 12.63 11.87 -4.01
C VAL B 118 11.94 12.12 -2.67
N ALA B 119 12.03 11.17 -1.72
CA ALA B 119 11.34 11.33 -0.42
C ALA B 119 11.83 12.60 0.27
N ALA B 120 13.15 12.77 0.34
CA ALA B 120 13.77 13.93 1.01
C ALA B 120 13.23 15.24 0.40
N HIS B 121 13.12 15.30 -0.94
CA HIS B 121 12.56 16.48 -1.66
C HIS B 121 11.10 16.68 -1.29
N ALA B 122 10.32 15.61 -1.37
CA ALA B 122 8.87 15.63 -1.07
C ALA B 122 8.64 16.07 0.38
N PHE B 123 9.42 15.55 1.34
CA PHE B 123 9.29 15.85 2.79
C PHE B 123 9.60 17.35 3.03
N GLY B 124 10.51 17.92 2.25
CA GLY B 124 10.77 19.38 2.21
C GLY B 124 9.47 20.11 1.94
N HIS B 125 8.71 19.66 0.94
CA HIS B 125 7.37 20.22 0.65
C HIS B 125 6.46 19.99 1.86
N ALA B 126 6.44 18.76 2.39
CA ALA B 126 5.57 18.39 3.54
C ALA B 126 5.88 19.26 4.77
N MET B 127 7.11 19.81 4.88
CA MET B 127 7.51 20.74 5.98
C MET B 127 7.18 22.21 5.64
N GLY B 128 6.89 22.54 4.38
CA GLY B 128 6.48 23.91 3.99
C GLY B 128 7.48 24.62 3.07
N LEU B 129 8.45 23.90 2.50
CA LEU B 129 9.39 24.45 1.50
C LEU B 129 8.76 24.37 0.13
N GLU B 130 9.01 25.40 -0.69
CA GLU B 130 8.70 25.41 -2.13
C GLU B 130 9.98 25.17 -2.92
N HIS B 131 9.86 25.11 -4.23
CA HIS B 131 11.03 24.95 -5.11
C HIS B 131 11.98 26.15 -4.98
N SER B 132 13.27 25.88 -5.14
CA SER B 132 14.35 26.88 -5.04
C SER B 132 14.93 27.20 -6.42
N GLN B 133 15.28 28.46 -6.66
CA GLN B 133 15.90 28.95 -7.92
C GLN B 133 17.33 28.43 -8.02
N ASP B 134 17.93 28.06 -6.90
CA ASP B 134 19.30 27.50 -6.84
C ASP B 134 19.27 26.09 -7.43
N PRO B 135 19.90 25.84 -8.59
CA PRO B 135 19.82 24.52 -9.23
C PRO B 135 20.64 23.42 -8.54
N GLY B 136 21.48 23.75 -7.55
CA GLY B 136 22.26 22.78 -6.76
C GLY B 136 21.47 22.21 -5.60
N ALA B 137 20.42 22.92 -5.18
CA ALA B 137 19.64 22.67 -3.94
C ALA B 137 18.76 21.42 -4.07
N LEU B 138 18.43 20.77 -2.94
CA LEU B 138 17.52 19.59 -2.91
C LEU B 138 16.11 20.03 -3.34
N MET B 139 15.68 21.25 -2.98
CA MET B 139 14.34 21.75 -3.38
C MET B 139 14.35 22.38 -4.79
N ALA B 140 15.41 22.17 -5.60
CA ALA B 140 15.37 22.43 -7.05
C ALA B 140 14.29 21.53 -7.64
N PRO B 141 13.53 21.98 -8.68
CA PRO B 141 12.45 21.16 -9.25
C PRO B 141 12.88 19.87 -9.97
N ILE B 142 14.11 19.77 -10.46
CA ILE B 142 14.57 18.65 -11.33
C ILE B 142 15.18 17.52 -10.50
N TYR B 143 14.89 16.25 -10.82
CA TYR B 143 15.57 15.08 -10.21
C TYR B 143 16.98 14.95 -10.80
N THR B 144 17.98 14.99 -9.94
CA THR B 144 19.39 14.76 -10.32
C THR B 144 19.93 13.70 -9.40
N TYR B 145 20.16 12.50 -9.91
CA TYR B 145 20.80 11.45 -9.10
C TYR B 145 22.23 11.89 -8.78
N THR B 146 22.59 11.90 -7.50
CA THR B 146 23.97 12.19 -7.02
C THR B 146 24.44 11.06 -6.09
N LYS B 147 25.62 10.51 -6.39
CA LYS B 147 26.35 9.54 -5.54
C LYS B 147 26.56 10.18 -4.17
N ASN B 148 26.95 11.46 -4.17
CA ASN B 148 27.54 12.18 -3.02
C ASN B 148 26.58 13.28 -2.53
N PHE B 149 25.46 12.93 -1.89
CA PHE B 149 24.38 13.90 -1.53
C PHE B 149 24.70 14.65 -0.22
N ARG B 150 24.30 15.92 -0.17
CA ARG B 150 24.37 16.77 1.05
C ARG B 150 23.41 17.94 0.86
N LEU B 151 22.67 18.33 1.90
CA LEU B 151 21.80 19.54 1.87
C LEU B 151 22.65 20.74 1.41
N SER B 152 22.13 21.57 0.52
CA SER B 152 22.81 22.81 0.12
C SER B 152 22.49 23.88 1.18
N GLN B 153 23.25 24.96 1.20
CA GLN B 153 23.08 26.05 2.20
C GLN B 153 21.70 26.72 2.03
N ASP B 154 21.14 26.76 0.81
CA ASP B 154 19.80 27.39 0.53
C ASP B 154 18.70 26.61 1.25
N ASP B 155 18.69 25.30 1.09
CA ASP B 155 17.75 24.38 1.80
C ASP B 155 17.80 24.66 3.31
N ILE B 156 19.01 24.71 3.88
CA ILE B 156 19.21 24.86 5.34
C ILE B 156 18.64 26.21 5.76
N LYS B 157 18.96 27.27 5.02
CA LYS B 157 18.50 28.65 5.35
C LYS B 157 16.98 28.70 5.29
N GLY B 158 16.40 28.07 4.26
CA GLY B 158 14.94 27.99 4.06
C GLY B 158 14.28 27.26 5.21
N ILE B 159 14.74 26.04 5.52
CA ILE B 159 14.06 25.25 6.57
C ILE B 159 14.26 25.95 7.93
N GLN B 160 15.45 26.47 8.21
CA GLN B 160 15.74 27.17 9.49
C GLN B 160 14.86 28.41 9.58
N GLU B 161 14.65 29.10 8.47
CA GLU B 161 13.75 30.29 8.46
C GLU B 161 12.41 29.89 9.10
N LEU B 162 11.91 28.68 8.81
CA LEU B 162 10.60 28.18 9.31
C LEU B 162 10.72 27.67 10.75
N TYR B 163 11.73 26.86 11.08
CA TYR B 163 11.69 26.06 12.34
C TYR B 163 12.86 26.37 13.27
N GLY B 164 13.84 27.16 12.84
CA GLY B 164 15.07 27.39 13.60
C GLY B 164 16.12 26.34 13.29
N ALA B 165 17.36 26.63 13.67
CA ALA B 165 18.50 25.69 13.54
C ALA B 165 18.41 24.62 14.64
N SER B 166 19.25 23.61 14.53
CA SER B 166 19.20 22.42 15.42
C SER B 166 19.70 22.85 16.79
N PRO B 167 18.96 22.55 17.87
CA PRO B 167 19.47 22.76 19.23
C PRO B 167 20.50 21.66 19.56
N GLU C 3 -16.80 -8.38 -12.12
CA GLU C 3 -15.60 -9.06 -12.53
C GLU C 3 -14.58 -9.18 -11.45
N ASP C 4 -14.86 -9.99 -10.40
CA ASP C 4 -13.89 -10.06 -9.32
C ASP C 4 -12.95 -11.27 -9.33
N LEU C 6 -10.45 -13.08 -12.03
CA LEU C 6 -9.76 -12.84 -13.26
C LEU C 6 -8.80 -13.90 -13.74
N GLU D 3 3.41 19.45 -10.62
CA GLU D 3 2.58 19.76 -9.51
C GLU D 3 2.84 18.73 -8.44
N ASP D 4 4.06 18.75 -7.84
CA ASP D 4 4.46 17.81 -6.80
C ASP D 4 4.34 18.43 -5.46
N LEU D 6 1.54 20.42 -3.19
CA LEU D 6 0.16 20.74 -3.13
C LEU D 6 -0.41 21.38 -1.89
#